data_2XNZ
#
_entry.id   2XNZ
#
_cell.length_a   132.165
_cell.length_b   35.068
_cell.length_c   41.798
_cell.angle_alpha   90.00
_cell.angle_beta   90.06
_cell.angle_gamma   90.00
#
_symmetry.space_group_name_H-M   'C 1 2 1'
#
loop_
_entity.id
_entity.type
_entity.pdbx_description
1 polymer 'Guanine riboswitch'
2 non-polymer 'COBALT HEXAMMINE(III)'
3 non-polymer 'ACETATE ION'
4 non-polymer 6-METHYL-1,3,5-TRIAZINE-2,4-DIAMINE
5 non-polymer 'POTASSIUM ION'
6 water water
#
_entity_poly.entity_id   1
_entity_poly.type   'polyribonucleotide'
_entity_poly.pdbx_seq_one_letter_code
;GGACAUAUAAUCGCGUGGAUAUGGCACGCAAGUUUCUACCGGGCACCGUAAAUGUCCGAUUAUGUCC
;
_entity_poly.pdbx_strand_id   A
#